data_5GMM
#
_entry.id   5GMM
#
_cell.length_a   46.265
_cell.length_b   87.953
_cell.length_c   142.580
_cell.angle_alpha   90.00
_cell.angle_beta   90.00
_cell.angle_gamma   90.00
#
_symmetry.space_group_name_H-M   'P 21 21 21'
#
loop_
_entity.id
_entity.type
_entity.pdbx_description
1 polymer 'Carbonic anhydrase 1'
2 non-polymer 'ZINC ION'
3 non-polymer 4-[3-(3-fluorophenyl)-5,5-dimethyl-4-oxidanylidene-furan-2-yl]benzenesulfonamide
4 water water
#
_entity_poly.entity_id   1
_entity_poly.type   'polypeptide(L)'
_entity_poly.pdbx_seq_one_letter_code
;MASPDWGYDDKNGPEQWSKLYPIANGNNQSPVDIKTSETKHDTSLKPISVSYNPATAKEIINVGHSFHVNFEDNDNRSVL
KGGPFSDSYRLFQFHFHWGSTNEHGSEHTVDGVKYSAELHVAHWNSAKYSSLAEAASKADGLAVIGVLMKVGEANPKLQK
VLDALQAIKTKGKRAPFTNFDPSTLLPSSLDFWTYPGSLTHPPLYESVTWIICKESISVSSEQLAQFRSLLSNVEGDNAV
PMQHNNRPTQPLKGRTVRASF
;
_entity_poly.pdbx_strand_id   A,B
#
loop_
_chem_comp.id
_chem_comp.type
_chem_comp.name
_chem_comp.formula
949 non-polymer 4-[3-(3-fluorophenyl)-5,5-dimethyl-4-oxidanylidene-furan-2-yl]benzenesulfonamide 'C18 H16 F N O4 S'
ZN non-polymer 'ZINC ION' 'Zn 2'
#
# COMPACT_ATOMS: atom_id res chain seq x y z
N ASP A 5 8.46 -9.72 6.19
CA ASP A 5 9.72 -9.83 6.92
C ASP A 5 9.47 -9.85 8.43
N TRP A 6 9.10 -8.70 9.00
CA TRP A 6 8.82 -8.59 10.42
C TRP A 6 7.54 -9.34 10.77
N GLY A 7 7.37 -9.63 12.04
CA GLY A 7 6.15 -10.24 12.52
C GLY A 7 6.08 -10.18 14.04
N TYR A 8 5.54 -11.21 14.64
CA TYR A 8 5.43 -11.26 16.08
C TYR A 8 6.04 -12.52 16.69
N ASP A 9 6.75 -13.33 15.89
CA ASP A 9 7.19 -14.63 16.41
C ASP A 9 8.59 -14.61 17.02
N ASP A 10 9.07 -15.81 17.34
CA ASP A 10 10.37 -16.00 18.00
C ASP A 10 11.53 -15.35 17.26
N LYS A 11 11.42 -15.22 15.94
CA LYS A 11 12.54 -14.74 15.12
C LYS A 11 12.36 -13.35 14.54
N ASN A 12 11.13 -12.90 14.39
CA ASN A 12 10.91 -11.63 13.72
C ASN A 12 10.07 -10.62 14.49
N GLY A 13 9.85 -10.90 15.78
CA GLY A 13 8.93 -10.12 16.59
C GLY A 13 9.53 -8.85 17.15
N PRO A 14 8.78 -8.16 18.02
CA PRO A 14 9.14 -6.87 18.63
C PRO A 14 10.59 -6.75 19.13
N GLU A 15 11.13 -7.81 19.73
CA GLU A 15 12.52 -7.80 20.17
C GLU A 15 13.48 -7.57 18.99
N GLN A 16 13.08 -7.94 17.78
CA GLN A 16 13.95 -7.84 16.61
C GLN A 16 13.74 -6.62 15.73
N TRP A 17 12.65 -5.87 15.96
CA TRP A 17 12.25 -4.84 15.02
C TRP A 17 13.31 -3.75 14.79
N SER A 18 14.02 -3.34 15.82
CA SER A 18 14.97 -2.22 15.71
C SER A 18 16.12 -2.45 14.73
N LYS A 19 16.32 -3.70 14.30
CA LYS A 19 17.36 -4.05 13.34
C LYS A 19 17.10 -3.45 11.96
N LEU A 20 15.87 -3.62 11.45
CA LEU A 20 15.46 -2.97 10.21
C LEU A 20 14.68 -1.67 10.41
N TYR A 21 14.14 -1.48 11.61
CA TYR A 21 13.36 -0.27 11.90
C TYR A 21 13.89 0.38 13.18
N PRO A 22 15.01 1.09 13.07
CA PRO A 22 15.71 1.67 14.23
C PRO A 22 14.84 2.59 15.08
N ILE A 23 13.78 3.15 14.51
CA ILE A 23 12.88 4.01 15.27
C ILE A 23 12.11 3.22 16.33
N ALA A 24 12.20 1.89 16.30
CA ALA A 24 11.60 1.07 17.35
C ALA A 24 12.14 1.48 18.72
N ASN A 25 13.37 2.00 18.76
CA ASN A 25 13.96 2.48 20.02
C ASN A 25 13.86 4.00 20.18
N GLY A 26 12.95 4.63 19.43
CA GLY A 26 12.72 6.06 19.51
C GLY A 26 12.09 6.55 20.81
N ASN A 27 11.84 7.86 20.86
CA ASN A 27 11.37 8.52 22.08
C ASN A 27 9.86 8.77 22.11
N ASN A 28 9.17 8.43 21.03
CA ASN A 28 7.73 8.58 20.98
C ASN A 28 7.07 7.30 20.48
N GLN A 29 7.46 6.17 21.05
CA GLN A 29 6.99 4.88 20.55
C GLN A 29 5.73 4.45 21.28
N SER A 30 4.93 3.62 20.62
CA SER A 30 3.65 3.13 21.14
C SER A 30 3.61 1.61 21.05
N PRO A 31 2.81 0.95 21.90
CA PRO A 31 1.90 1.49 22.90
C PRO A 31 2.64 1.84 24.19
N VAL A 32 1.94 2.37 25.18
CA VAL A 32 2.54 2.70 26.46
C VAL A 32 1.63 2.21 27.60
N ASP A 33 2.20 2.13 28.79
CA ASP A 33 1.40 1.94 29.99
C ASP A 33 0.98 3.31 30.48
N ILE A 34 -0.33 3.50 30.65
CA ILE A 34 -0.85 4.75 31.21
C ILE A 34 -0.95 4.63 32.73
N LYS A 35 -0.06 5.32 33.44
CA LYS A 35 -0.10 5.38 34.89
C LYS A 35 -1.01 6.53 35.32
N THR A 36 -2.14 6.20 35.93
CA THR A 36 -3.18 7.21 36.11
C THR A 36 -2.77 8.24 37.16
N SER A 37 -1.84 7.88 38.03
CA SER A 37 -1.36 8.83 39.02
C SER A 37 -0.55 9.92 38.34
N GLU A 38 0.01 9.63 37.17
CA GLU A 38 0.93 10.55 36.54
C GLU A 38 0.37 11.27 35.32
N THR A 39 -0.90 11.05 35.01
CA THR A 39 -1.55 11.77 33.92
C THR A 39 -1.81 13.20 34.34
N LYS A 40 -1.92 14.09 33.36
CA LYS A 40 -2.27 15.47 33.68
C LYS A 40 -3.60 15.82 33.05
N HIS A 41 -4.53 16.27 33.89
CA HIS A 41 -5.81 16.73 33.39
C HIS A 41 -5.56 17.96 32.53
N ASP A 42 -6.20 18.02 31.36
CA ASP A 42 -6.06 19.16 30.47
C ASP A 42 -7.43 19.76 30.22
N THR A 43 -7.68 20.93 30.83
CA THR A 43 -8.99 21.56 30.70
C THR A 43 -9.20 22.14 29.30
N SER A 44 -8.11 22.30 28.55
CA SER A 44 -8.18 22.81 27.19
C SER A 44 -8.56 21.72 26.19
N LEU A 45 -8.60 20.47 26.65
CA LEU A 45 -9.07 19.37 25.81
C LEU A 45 -10.57 19.46 25.60
N LYS A 46 -11.01 19.32 24.35
CA LYS A 46 -12.43 19.32 24.04
C LYS A 46 -12.95 17.88 23.98
N PRO A 47 -14.28 17.68 24.04
CA PRO A 47 -14.77 16.31 23.90
C PRO A 47 -14.43 15.75 22.51
N ILE A 48 -14.21 14.44 22.45
CA ILE A 48 -14.00 13.75 21.19
C ILE A 48 -15.31 13.73 20.39
N SER A 49 -15.24 14.09 19.12
CA SER A 49 -16.41 14.00 18.26
C SER A 49 -16.13 13.13 17.04
N VAL A 50 -16.84 12.02 16.93
CA VAL A 50 -16.72 11.23 15.73
C VAL A 50 -18.03 11.21 14.97
N SER A 51 -17.92 11.30 13.64
CA SER A 51 -19.07 11.28 12.77
C SER A 51 -18.75 10.44 11.54
N TYR A 52 -19.10 9.16 11.57
CA TYR A 52 -18.78 8.26 10.47
C TYR A 52 -19.99 7.93 9.61
N ASN A 53 -19.78 7.93 8.30
CA ASN A 53 -20.84 7.57 7.37
C ASN A 53 -20.72 6.10 6.99
N PRO A 54 -21.71 5.29 7.38
CA PRO A 54 -21.68 3.85 7.12
C PRO A 54 -21.41 3.51 5.66
N ALA A 55 -21.73 4.44 4.76
CA ALA A 55 -21.54 4.21 3.34
C ALA A 55 -20.07 4.29 2.95
N THR A 56 -19.22 4.78 3.83
CA THR A 56 -17.79 4.83 3.52
C THR A 56 -17.09 3.47 3.75
N ALA A 57 -17.76 2.54 4.45
CA ALA A 57 -17.21 1.19 4.63
C ALA A 57 -17.03 0.52 3.26
N LYS A 58 -15.85 -0.03 3.02
CA LYS A 58 -15.50 -0.50 1.68
C LYS A 58 -15.21 -2.00 1.65
N GLU A 59 -14.21 -2.44 2.40
CA GLU A 59 -13.76 -3.82 2.30
C GLU A 59 -13.16 -4.36 3.58
N ILE A 60 -12.98 -5.68 3.62
CA ILE A 60 -12.27 -6.31 4.71
C ILE A 60 -11.19 -7.17 4.08
N ILE A 61 -9.99 -7.11 4.65
CA ILE A 61 -8.83 -7.74 4.03
C ILE A 61 -7.87 -8.32 5.07
N ASN A 62 -7.34 -9.51 4.76
CA ASN A 62 -6.36 -10.20 5.61
C ASN A 62 -4.98 -9.70 5.22
N VAL A 63 -4.29 -9.06 6.15
CA VAL A 63 -3.00 -8.49 5.82
C VAL A 63 -1.85 -9.30 6.40
N GLY A 64 -2.14 -10.55 6.77
CA GLY A 64 -1.08 -11.44 7.19
C GLY A 64 -0.92 -11.48 8.70
N HIS A 65 -0.55 -10.35 9.30
CA HIS A 65 -0.40 -10.25 10.75
C HIS A 65 -1.72 -9.87 11.42
N SER A 66 -2.69 -9.48 10.61
CA SER A 66 -3.96 -8.94 11.12
C SER A 66 -4.99 -8.92 10.01
N PHE A 67 -6.16 -8.38 10.29
CA PHE A 67 -7.10 -8.05 9.24
C PHE A 67 -7.57 -6.63 9.44
N HIS A 68 -7.88 -5.96 8.33
CA HIS A 68 -8.27 -4.56 8.34
C HIS A 68 -9.62 -4.37 7.67
N VAL A 69 -10.42 -3.48 8.22
CA VAL A 69 -11.61 -3.01 7.54
C VAL A 69 -11.34 -1.61 7.00
N ASN A 70 -11.27 -1.49 5.68
CA ASN A 70 -10.94 -0.24 5.01
C ASN A 70 -12.16 0.59 4.65
N PHE A 71 -11.97 1.90 4.66
CA PHE A 71 -13.03 2.85 4.33
C PHE A 71 -12.65 3.70 3.11
N GLU A 72 -13.63 4.12 2.33
CA GLU A 72 -13.38 5.00 1.19
C GLU A 72 -12.79 6.32 1.65
N ASP A 73 -11.74 6.75 0.95
CA ASP A 73 -10.96 7.93 1.32
C ASP A 73 -11.23 9.21 0.55
N ASN A 74 -12.26 9.19 -0.30
CA ASN A 74 -12.52 10.29 -1.23
C ASN A 74 -12.72 11.64 -0.57
N ASP A 75 -13.56 11.66 0.47
CA ASP A 75 -13.99 12.91 1.08
C ASP A 75 -14.04 12.81 2.59
N ASN A 76 -14.48 13.89 3.22
CA ASN A 76 -14.58 13.96 4.67
C ASN A 76 -15.96 13.56 5.17
N ARG A 77 -16.55 12.53 4.58
CA ARG A 77 -17.85 12.02 5.07
C ARG A 77 -17.73 11.41 6.46
N SER A 78 -16.60 10.77 6.75
CA SER A 78 -16.35 10.12 8.03
C SER A 78 -15.15 10.73 8.72
N VAL A 79 -15.40 11.52 9.76
CA VAL A 79 -14.31 12.25 10.39
C VAL A 79 -14.27 12.18 11.92
N LEU A 80 -13.07 12.41 12.45
CA LEU A 80 -12.84 12.61 13.87
C LEU A 80 -12.39 14.04 14.12
N LYS A 81 -12.98 14.72 15.10
CA LYS A 81 -12.50 16.04 15.48
C LYS A 81 -12.62 16.24 16.99
N GLY A 82 -12.26 17.43 17.46
CA GLY A 82 -12.32 17.73 18.88
C GLY A 82 -11.06 17.25 19.59
N GLY A 83 -11.24 16.82 20.82
CA GLY A 83 -10.12 16.33 21.62
C GLY A 83 -8.96 17.30 21.62
N PRO A 84 -7.76 16.83 21.26
CA PRO A 84 -6.59 17.71 21.20
C PRO A 84 -6.40 18.32 19.83
N PHE A 85 -7.35 18.08 18.93
CA PHE A 85 -7.13 18.39 17.53
C PHE A 85 -7.65 19.76 17.09
N SER A 86 -6.88 20.42 16.23
CA SER A 86 -7.34 21.61 15.51
C SER A 86 -8.01 21.16 14.22
N ASP A 87 -7.39 20.17 13.59
CA ASP A 87 -7.80 19.67 12.29
C ASP A 87 -8.84 18.55 12.42
N SER A 88 -9.64 18.36 11.39
CA SER A 88 -10.39 17.12 11.25
C SER A 88 -9.53 16.05 10.59
N TYR A 89 -9.64 14.84 11.12
CA TYR A 89 -8.94 13.69 10.62
C TYR A 89 -9.95 12.78 9.93
N ARG A 90 -9.59 12.23 8.78
CA ARG A 90 -10.46 11.36 8.02
C ARG A 90 -10.24 9.87 8.35
N LEU A 91 -11.32 9.17 8.69
CA LEU A 91 -11.26 7.74 8.94
C LEU A 91 -10.77 6.96 7.72
N PHE A 92 -9.81 6.03 7.89
CA PHE A 92 -9.48 5.19 6.74
C PHE A 92 -9.52 3.69 7.01
N GLN A 93 -9.33 3.26 8.26
CA GLN A 93 -9.55 1.86 8.59
C GLN A 93 -9.72 1.60 10.06
N PHE A 94 -10.25 0.43 10.42
CA PHE A 94 -10.11 -0.03 11.79
C PHE A 94 -9.66 -1.49 11.80
N HIS A 95 -9.11 -1.89 12.93
CA HIS A 95 -8.55 -3.21 13.07
C HIS A 95 -8.43 -3.56 14.55
N PHE A 96 -8.00 -4.78 14.83
CA PHE A 96 -7.85 -5.27 16.20
C PHE A 96 -6.44 -5.75 16.46
N HIS A 97 -6.09 -5.84 17.74
CA HIS A 97 -4.92 -6.57 18.19
C HIS A 97 -5.42 -7.54 19.24
N TRP A 98 -4.79 -8.70 19.31
CA TRP A 98 -5.15 -9.71 20.29
C TRP A 98 -3.94 -10.54 20.67
N GLY A 99 -4.13 -11.48 21.60
CA GLY A 99 -3.02 -12.25 22.13
C GLY A 99 -3.20 -13.74 22.02
N SER A 100 -2.16 -14.47 22.39
CA SER A 100 -2.20 -15.92 22.25
C SER A 100 -3.25 -16.49 23.18
N THR A 101 -3.44 -15.85 24.34
CA THR A 101 -4.49 -16.25 25.27
C THR A 101 -5.57 -15.18 25.34
N ASN A 102 -6.73 -15.56 25.84
CA ASN A 102 -7.84 -14.64 25.96
C ASN A 102 -7.62 -13.61 27.02
N GLU A 103 -6.68 -13.85 27.93
CA GLU A 103 -6.52 -12.87 28.99
C GLU A 103 -5.41 -11.82 28.71
N HIS A 104 -4.59 -12.02 27.69
CA HIS A 104 -3.40 -11.18 27.56
C HIS A 104 -3.13 -10.83 26.11
N GLY A 105 -3.72 -9.74 25.62
CA GLY A 105 -3.61 -9.43 24.21
C GLY A 105 -3.72 -7.99 23.76
N SER A 106 -3.95 -7.05 24.69
CA SER A 106 -4.06 -5.66 24.29
C SER A 106 -2.68 -5.07 24.02
N GLU A 107 -2.65 -3.80 23.63
CA GLU A 107 -1.38 -3.16 23.37
C GLU A 107 -1.14 -2.14 24.45
N HIS A 108 -2.07 -1.20 24.60
CA HIS A 108 -1.96 -0.26 25.69
C HIS A 108 -2.30 -0.99 26.98
N THR A 109 -1.75 -0.51 28.08
CA THR A 109 -2.13 -1.00 29.41
C THR A 109 -2.41 0.22 30.27
N VAL A 110 -3.22 0.02 31.31
CA VAL A 110 -3.57 1.09 32.22
C VAL A 110 -3.24 0.67 33.64
N ASP A 111 -2.38 1.45 34.29
CA ASP A 111 -1.85 1.13 35.61
C ASP A 111 -1.29 -0.28 35.66
N GLY A 112 -0.54 -0.64 34.62
CA GLY A 112 0.11 -1.95 34.57
C GLY A 112 -0.80 -3.11 34.18
N VAL A 113 -2.07 -2.85 33.89
CA VAL A 113 -3.01 -3.93 33.59
C VAL A 113 -3.20 -4.18 32.09
N LYS A 114 -2.83 -5.38 31.66
CA LYS A 114 -2.97 -5.81 30.28
C LYS A 114 -4.39 -6.35 30.04
N TYR A 115 -5.02 -5.89 28.97
CA TYR A 115 -6.38 -6.35 28.66
C TYR A 115 -6.31 -7.46 27.63
N SER A 116 -7.48 -7.98 27.22
CA SER A 116 -7.56 -9.15 26.33
C SER A 116 -7.23 -8.84 24.88
N ALA A 117 -7.67 -7.67 24.42
CA ALA A 117 -7.49 -7.28 23.04
C ALA A 117 -7.66 -5.77 22.94
N GLU A 118 -7.57 -5.24 21.72
CA GLU A 118 -7.66 -3.80 21.56
C GLU A 118 -8.20 -3.43 20.19
N LEU A 119 -9.17 -2.51 20.16
CA LEU A 119 -9.66 -1.94 18.92
C LEU A 119 -8.91 -0.63 18.57
N HIS A 120 -8.47 -0.54 17.32
CA HIS A 120 -7.84 0.65 16.79
C HIS A 120 -8.65 1.23 15.61
N VAL A 121 -8.99 2.52 15.69
CA VAL A 121 -9.73 3.21 14.62
C VAL A 121 -8.81 4.30 14.13
N ALA A 122 -8.35 4.16 12.89
CA ALA A 122 -7.25 4.99 12.40
C ALA A 122 -7.78 6.08 11.47
N HIS A 123 -7.21 7.28 11.61
CA HIS A 123 -7.59 8.44 10.80
C HIS A 123 -6.34 9.17 10.30
N TRP A 124 -6.45 9.95 9.21
CA TRP A 124 -5.32 10.77 8.79
C TRP A 124 -5.72 12.23 8.58
N ASN A 125 -4.74 13.10 8.72
CA ASN A 125 -4.95 14.54 8.71
C ASN A 125 -5.16 15.07 7.29
N SER A 126 -6.40 15.05 6.82
CA SER A 126 -6.70 15.42 5.46
C SER A 126 -6.88 16.93 5.32
N ALA A 127 -6.99 17.60 6.47
CA ALA A 127 -7.05 19.05 6.47
C ALA A 127 -5.71 19.61 5.99
N LYS A 128 -4.61 19.01 6.43
CA LYS A 128 -3.29 19.56 6.16
C LYS A 128 -2.54 18.87 5.00
N TYR A 129 -2.76 17.58 4.83
CA TYR A 129 -1.96 16.81 3.88
C TYR A 129 -2.73 16.36 2.65
N SER A 130 -1.95 15.97 1.64
CA SER A 130 -2.51 15.64 0.34
C SER A 130 -3.15 14.26 0.31
N SER A 131 -2.59 13.34 1.08
CA SER A 131 -2.96 11.94 1.03
C SER A 131 -2.54 11.26 2.32
N LEU A 132 -3.06 10.06 2.55
CA LEU A 132 -2.63 9.20 3.65
C LEU A 132 -1.12 9.02 3.58
N ALA A 133 -0.63 8.76 2.38
CA ALA A 133 0.79 8.60 2.13
C ALA A 133 1.61 9.80 2.61
N GLU A 134 1.15 11.02 2.34
CA GLU A 134 1.91 12.20 2.75
C GLU A 134 1.86 12.36 4.26
N ALA A 135 0.71 12.02 4.84
CA ALA A 135 0.51 12.21 6.27
C ALA A 135 1.22 11.15 7.11
N ALA A 136 1.45 9.99 6.48
CA ALA A 136 1.84 8.77 7.18
C ALA A 136 3.01 8.91 8.13
N SER A 137 3.94 9.79 7.78
CA SER A 137 5.17 9.96 8.54
C SER A 137 5.33 11.37 9.08
N LYS A 138 4.24 12.11 9.19
CA LYS A 138 4.28 13.43 9.82
C LYS A 138 3.84 13.32 11.27
N ALA A 139 4.45 14.12 12.15
CA ALA A 139 4.14 14.03 13.58
C ALA A 139 2.66 14.22 13.85
N ASP A 140 2.02 15.04 13.01
CA ASP A 140 0.61 15.35 13.20
C ASP A 140 -0.23 14.68 12.11
N GLY A 141 0.30 13.63 11.50
CA GLY A 141 -0.34 13.05 10.33
C GLY A 141 -1.51 12.12 10.60
N LEU A 142 -1.40 11.35 11.68
CA LEU A 142 -2.39 10.31 11.98
C LEU A 142 -3.04 10.47 13.36
N ALA A 143 -4.29 10.03 13.44
CA ALA A 143 -5.01 9.93 14.71
C ALA A 143 -5.61 8.54 14.87
N VAL A 144 -5.30 7.87 15.98
CA VAL A 144 -5.91 6.57 16.23
C VAL A 144 -6.57 6.50 17.61
N ILE A 145 -7.83 6.11 17.59
CA ILE A 145 -8.59 5.79 18.80
C ILE A 145 -8.33 4.34 19.18
N GLY A 146 -7.87 4.15 20.41
CA GLY A 146 -7.67 2.83 20.95
C GLY A 146 -8.70 2.55 22.02
N VAL A 147 -9.36 1.40 21.89
CA VAL A 147 -10.32 0.93 22.87
C VAL A 147 -9.85 -0.41 23.43
N LEU A 148 -9.66 -0.47 24.74
CA LEU A 148 -9.27 -1.72 25.39
C LEU A 148 -10.46 -2.67 25.43
N MET A 149 -10.19 -3.94 25.13
CA MET A 149 -11.25 -4.94 25.10
C MET A 149 -10.97 -5.98 26.18
N LYS A 150 -12.01 -6.38 26.88
CA LYS A 150 -11.89 -7.25 28.03
C LYS A 150 -12.77 -8.47 27.86
N VAL A 151 -12.18 -9.66 27.97
CA VAL A 151 -12.91 -10.89 27.66
C VAL A 151 -14.03 -11.05 28.69
N GLY A 152 -15.17 -11.56 28.25
CA GLY A 152 -16.37 -11.62 29.08
C GLY A 152 -17.55 -11.90 28.17
N GLU A 153 -18.61 -11.10 28.28
CA GLU A 153 -19.81 -11.28 27.45
C GLU A 153 -19.54 -11.01 25.97
N ALA A 154 -20.19 -11.78 25.10
CA ALA A 154 -20.07 -11.54 23.67
C ALA A 154 -20.52 -10.13 23.33
N ASN A 155 -19.80 -9.50 22.41
CA ASN A 155 -20.11 -8.14 21.98
C ASN A 155 -20.88 -8.20 20.67
N PRO A 156 -22.19 -7.92 20.72
CA PRO A 156 -23.05 -8.02 19.55
C PRO A 156 -22.62 -7.10 18.40
N LYS A 157 -21.96 -6.00 18.71
CA LYS A 157 -21.56 -5.05 17.68
C LYS A 157 -20.45 -5.57 16.77
N LEU A 158 -19.72 -6.59 17.21
CA LEU A 158 -18.64 -7.20 16.43
C LEU A 158 -19.14 -8.14 15.34
N GLN A 159 -20.42 -8.51 15.40
CA GLN A 159 -20.93 -9.62 14.60
C GLN A 159 -20.69 -9.50 13.10
N LYS A 160 -20.92 -8.32 12.54
CA LYS A 160 -20.78 -8.17 11.09
C LYS A 160 -19.33 -8.45 10.70
N VAL A 161 -18.40 -7.95 11.52
CA VAL A 161 -16.98 -8.19 11.29
C VAL A 161 -16.66 -9.68 11.34
N LEU A 162 -17.16 -10.33 12.39
CA LEU A 162 -16.87 -11.75 12.59
C LEU A 162 -17.39 -12.64 11.48
N ASP A 163 -18.60 -12.35 10.98
CA ASP A 163 -19.20 -13.14 9.92
C ASP A 163 -18.40 -13.02 8.63
N ALA A 164 -17.69 -11.91 8.48
CA ALA A 164 -16.92 -11.69 7.26
C ALA A 164 -15.62 -12.48 7.25
N LEU A 165 -15.17 -12.91 8.42
CA LEU A 165 -13.83 -13.48 8.54
C LEU A 165 -13.61 -14.73 7.70
N GLN A 166 -14.66 -15.53 7.52
CA GLN A 166 -14.52 -16.78 6.79
C GLN A 166 -14.26 -16.51 5.32
N ALA A 167 -14.48 -15.27 4.89
CA ALA A 167 -14.24 -14.86 3.52
C ALA A 167 -12.81 -14.37 3.30
N ILE A 168 -12.02 -14.23 4.35
CA ILE A 168 -10.66 -13.71 4.22
C ILE A 168 -9.66 -14.55 5.00
N LYS A 169 -9.68 -15.85 4.76
CA LYS A 169 -9.01 -16.81 5.63
C LYS A 169 -7.48 -16.66 5.60
N THR A 170 -6.92 -16.37 4.42
CA THR A 170 -5.46 -16.36 4.24
C THR A 170 -4.95 -15.00 3.79
N LYS A 171 -3.63 -14.76 3.88
CA LYS A 171 -3.07 -13.46 3.56
C LYS A 171 -3.49 -13.00 2.16
N GLY A 172 -3.92 -11.75 2.06
CA GLY A 172 -4.23 -11.16 0.78
C GLY A 172 -5.68 -11.30 0.37
N LYS A 173 -6.39 -12.25 0.98
CA LYS A 173 -7.82 -12.38 0.71
C LYS A 173 -8.56 -11.11 1.11
N ARG A 174 -9.48 -10.71 0.24
CA ARG A 174 -10.29 -9.51 0.47
C ARG A 174 -11.75 -9.84 0.18
N ALA A 175 -12.66 -9.18 0.89
CA ALA A 175 -14.07 -9.28 0.61
C ALA A 175 -14.70 -7.90 0.78
N PRO A 176 -15.81 -7.64 0.06
CA PRO A 176 -16.54 -6.40 0.25
C PRO A 176 -17.00 -6.30 1.69
N PHE A 177 -17.09 -5.08 2.20
CA PHE A 177 -17.58 -4.87 3.55
C PHE A 177 -18.20 -3.49 3.62
N THR A 178 -19.53 -3.46 3.61
CA THR A 178 -20.22 -2.20 3.39
C THR A 178 -21.20 -1.88 4.47
N ASN A 179 -21.61 -0.62 4.52
CA ASN A 179 -22.68 -0.21 5.40
C ASN A 179 -22.39 -0.55 6.85
N PHE A 180 -21.35 0.06 7.40
CA PHE A 180 -21.00 -0.18 8.80
C PHE A 180 -20.40 1.08 9.39
N ASP A 181 -20.90 1.44 10.56
CA ASP A 181 -20.42 2.61 11.29
C ASP A 181 -19.65 2.11 12.51
N PRO A 182 -18.31 2.22 12.45
CA PRO A 182 -17.51 1.66 13.57
C PRO A 182 -17.67 2.45 14.87
N SER A 183 -18.31 3.62 14.84
CA SER A 183 -18.52 4.37 16.07
C SER A 183 -19.42 3.58 17.03
N THR A 184 -20.17 2.63 16.47
CA THR A 184 -21.00 1.73 17.26
C THR A 184 -20.19 0.76 18.13
N LEU A 185 -18.88 0.67 17.86
CA LEU A 185 -17.99 -0.18 18.65
C LEU A 185 -17.39 0.56 19.85
N LEU A 186 -17.57 1.88 19.87
CA LEU A 186 -17.00 2.71 20.90
C LEU A 186 -17.82 2.59 22.19
N PRO A 187 -17.17 2.80 23.36
CA PRO A 187 -17.87 2.72 24.65
C PRO A 187 -18.83 3.89 24.83
N SER A 188 -19.67 3.85 25.86
CA SER A 188 -20.63 4.93 26.01
C SER A 188 -19.92 6.18 26.53
N SER A 189 -19.04 6.05 27.51
CA SER A 189 -18.28 7.21 27.95
C SER A 189 -17.24 7.54 26.90
N LEU A 190 -17.03 8.81 26.60
CA LEU A 190 -15.93 9.15 25.73
C LEU A 190 -14.88 9.95 26.49
N ASP A 191 -14.80 9.74 27.80
CA ASP A 191 -13.62 10.14 28.56
C ASP A 191 -12.41 9.48 27.91
N PHE A 192 -11.28 10.17 27.87
CA PHE A 192 -10.14 9.58 27.20
C PHE A 192 -8.84 10.12 27.72
N TRP A 193 -7.78 9.38 27.43
CA TRP A 193 -6.42 9.88 27.53
C TRP A 193 -5.86 10.17 26.13
N THR A 194 -4.92 11.10 26.05
CA THR A 194 -4.21 11.35 24.79
C THR A 194 -2.73 11.59 25.03
N TYR A 195 -1.90 11.16 24.08
CA TYR A 195 -0.46 11.29 24.17
C TYR A 195 0.14 11.18 22.76
N PRO A 196 1.34 11.74 22.54
CA PRO A 196 1.97 11.67 21.22
C PRO A 196 2.77 10.37 21.02
N GLY A 197 2.47 9.62 19.96
CA GLY A 197 3.12 8.33 19.79
C GLY A 197 3.32 7.86 18.36
N SER A 198 3.24 6.54 18.18
CA SER A 198 3.64 5.92 16.93
C SER A 198 2.69 4.81 16.47
N LEU A 199 2.89 4.35 15.25
CA LEU A 199 2.34 3.07 14.82
C LEU A 199 2.90 2.02 15.77
N THR A 200 2.11 1.00 16.10
CA THR A 200 2.56 0.02 17.07
C THR A 200 3.24 -1.17 16.40
N HIS A 201 3.43 -1.11 15.09
CA HIS A 201 4.23 -2.11 14.39
C HIS A 201 4.92 -1.44 13.20
N PRO A 202 5.93 -2.10 12.59
CA PRO A 202 6.64 -1.46 11.48
C PRO A 202 5.68 -0.94 10.42
N PRO A 203 6.00 0.22 9.85
CA PRO A 203 7.26 0.97 9.95
C PRO A 203 7.46 1.81 11.22
N LEU A 204 6.50 1.82 12.14
CA LEU A 204 6.68 2.41 13.48
C LEU A 204 6.87 3.94 13.47
N TYR A 205 6.42 4.62 12.42
CA TYR A 205 6.51 6.07 12.34
C TYR A 205 5.96 6.75 13.59
N GLU A 206 6.66 7.75 14.11
CA GLU A 206 6.16 8.52 15.25
C GLU A 206 5.19 9.61 14.76
N SER A 207 4.13 9.15 14.10
CA SER A 207 3.20 10.02 13.42
C SER A 207 1.80 10.04 14.02
N VAL A 208 1.63 9.46 15.20
CA VAL A 208 0.31 9.20 15.71
C VAL A 208 -0.06 9.98 16.99
N THR A 209 -1.18 10.70 16.94
CA THR A 209 -1.76 11.23 18.16
C THR A 209 -2.71 10.17 18.66
N TRP A 210 -2.48 9.64 19.84
CA TRP A 210 -3.31 8.55 20.37
C TRP A 210 -4.44 9.08 21.23
N ILE A 211 -5.61 8.49 21.07
CA ILE A 211 -6.77 8.77 21.90
C ILE A 211 -7.18 7.43 22.51
N ILE A 212 -6.96 7.24 23.80
CA ILE A 212 -7.28 5.97 24.44
C ILE A 212 -8.49 6.14 25.35
N CYS A 213 -9.54 5.37 25.10
CA CYS A 213 -10.78 5.47 25.86
C CYS A 213 -10.62 4.93 27.28
N LYS A 214 -11.30 5.58 28.24
CA LYS A 214 -11.27 5.18 29.65
C LYS A 214 -12.03 3.88 29.88
N GLU A 215 -13.14 3.72 29.19
CA GLU A 215 -13.94 2.51 29.35
C GLU A 215 -13.60 1.42 28.33
N SER A 216 -13.53 0.19 28.81
CA SER A 216 -13.35 -0.95 27.95
C SER A 216 -14.67 -1.34 27.28
N ILE A 217 -14.58 -2.19 26.26
CA ILE A 217 -15.74 -2.85 25.69
C ILE A 217 -15.52 -4.35 25.84
N SER A 218 -16.58 -5.14 25.67
N SER A 218 -16.56 -5.14 25.67
CA SER A 218 -16.49 -6.58 25.90
CA SER A 218 -16.46 -6.57 25.92
C SER A 218 -16.13 -7.35 24.63
C SER A 218 -16.14 -7.35 24.64
N VAL A 219 -15.77 -8.62 24.81
CA VAL A 219 -15.54 -9.53 23.69
C VAL A 219 -15.59 -10.90 24.33
N SER A 220 -16.18 -11.89 23.67
CA SER A 220 -16.19 -13.22 24.30
C SER A 220 -15.01 -14.07 23.85
N SER A 221 -14.73 -15.11 24.64
CA SER A 221 -13.70 -16.06 24.28
C SER A 221 -13.91 -16.66 22.90
N GLU A 222 -15.17 -16.93 22.56
CA GLU A 222 -15.48 -17.53 21.28
C GLU A 222 -15.22 -16.54 20.15
N GLN A 223 -15.46 -15.27 20.42
CA GLN A 223 -15.23 -14.24 19.40
C GLN A 223 -13.73 -14.05 19.17
N LEU A 224 -12.95 -14.04 20.24
CA LEU A 224 -11.49 -13.92 20.10
C LEU A 224 -10.95 -15.10 19.31
N ALA A 225 -11.56 -16.28 19.53
CA ALA A 225 -11.15 -17.48 18.83
C ALA A 225 -11.32 -17.31 17.32
N GLN A 226 -12.31 -16.53 16.92
CA GLN A 226 -12.52 -16.27 15.50
C GLN A 226 -11.38 -15.44 14.90
N PHE A 227 -10.92 -14.41 15.62
CA PHE A 227 -9.69 -13.69 15.24
C PHE A 227 -8.51 -14.65 15.00
N ARG A 228 -8.27 -15.53 15.97
CA ARG A 228 -7.12 -16.43 15.93
C ARG A 228 -7.21 -17.52 14.90
N SER A 229 -8.43 -17.76 14.40
CA SER A 229 -8.64 -18.78 13.37
C SER A 229 -8.18 -18.34 11.98
N LEU A 230 -8.06 -17.03 11.77
CA LEU A 230 -7.43 -16.52 10.55
C LEU A 230 -6.04 -17.09 10.38
N LEU A 231 -5.58 -17.16 9.14
CA LEU A 231 -4.25 -17.67 8.81
C LEU A 231 -3.33 -16.57 8.32
N SER A 232 -2.08 -16.62 8.75
CA SER A 232 -1.10 -15.61 8.35
C SER A 232 -0.46 -15.96 7.01
N ASN A 233 -0.55 -17.24 6.64
CA ASN A 233 0.07 -17.72 5.41
C ASN A 233 -0.78 -17.43 4.18
N VAL A 234 -0.13 -17.51 3.02
CA VAL A 234 -0.82 -17.40 1.76
C VAL A 234 -1.46 -18.76 1.46
N GLU A 235 -2.65 -18.74 0.85
CA GLU A 235 -3.36 -19.96 0.46
C GLU A 235 -2.44 -20.92 -0.28
N GLY A 236 -2.50 -22.19 0.10
CA GLY A 236 -1.66 -23.19 -0.54
C GLY A 236 -0.43 -23.53 0.27
N ASP A 237 0.05 -22.58 1.06
CA ASP A 237 1.17 -22.87 1.95
C ASP A 237 0.67 -23.56 3.20
N ASN A 238 1.60 -23.98 4.04
CA ASN A 238 1.23 -24.56 5.31
C ASN A 238 0.58 -23.51 6.18
N ALA A 239 -0.46 -23.95 6.89
CA ALA A 239 -1.27 -23.09 7.73
C ALA A 239 -0.48 -22.58 8.91
N VAL A 240 -0.49 -21.27 9.10
CA VAL A 240 0.05 -20.66 10.28
C VAL A 240 -1.02 -19.77 10.88
N PRO A 241 -1.56 -20.16 12.03
CA PRO A 241 -2.63 -19.36 12.63
C PRO A 241 -2.13 -17.97 13.03
N MET A 242 -3.02 -17.00 12.91
CA MET A 242 -2.80 -15.63 13.31
C MET A 242 -3.03 -15.52 14.83
N GLN A 243 -2.11 -16.08 15.61
CA GLN A 243 -2.32 -16.34 17.04
C GLN A 243 -2.22 -15.09 17.91
N HIS A 244 -1.34 -14.17 17.55
CA HIS A 244 -1.16 -12.95 18.35
C HIS A 244 -0.47 -11.85 17.56
N ASN A 245 -0.74 -10.60 17.93
CA ASN A 245 -0.15 -9.47 17.21
C ASN A 245 -0.15 -8.17 18.04
N ASN A 246 0.22 -8.29 19.31
CA ASN A 246 0.33 -7.14 20.19
C ASN A 246 1.80 -6.83 20.52
N ARG A 247 2.14 -5.55 20.50
CA ARG A 247 3.48 -5.10 20.87
C ARG A 247 3.55 -4.81 22.35
N PRO A 248 4.68 -5.15 23.01
CA PRO A 248 4.93 -4.70 24.38
C PRO A 248 4.85 -3.17 24.51
N THR A 249 4.55 -2.65 25.70
CA THR A 249 4.58 -1.22 25.92
C THR A 249 6.03 -0.69 25.90
N GLN A 250 6.14 0.60 25.62
CA GLN A 250 7.41 1.27 25.38
C GLN A 250 7.60 2.39 26.40
N PRO A 251 8.85 2.81 26.64
CA PRO A 251 9.04 3.85 27.65
C PRO A 251 8.53 5.20 27.18
N LEU A 252 7.97 5.98 28.09
CA LEU A 252 7.38 7.26 27.74
C LEU A 252 8.46 8.26 27.33
N LYS A 253 9.67 8.07 27.85
CA LYS A 253 10.79 8.94 27.53
C LYS A 253 10.42 10.42 27.62
N GLY A 254 9.78 10.81 28.72
CA GLY A 254 9.51 12.21 29.01
C GLY A 254 8.15 12.72 28.59
N ARG A 255 7.41 11.91 27.84
CA ARG A 255 6.13 12.31 27.33
C ARG A 255 5.12 12.40 28.46
N THR A 256 4.12 13.26 28.27
CA THR A 256 3.05 13.41 29.24
C THR A 256 1.76 12.86 28.66
N VAL A 257 1.09 12.00 29.42
CA VAL A 257 -0.22 11.54 29.02
C VAL A 257 -1.29 12.47 29.58
N ARG A 258 -2.10 13.05 28.71
CA ARG A 258 -3.13 13.97 29.16
C ARG A 258 -4.45 13.24 29.31
N ALA A 259 -5.22 13.62 30.33
CA ALA A 259 -6.52 13.03 30.62
C ALA A 259 -7.60 14.08 30.41
N SER A 260 -8.74 13.66 29.88
CA SER A 260 -9.84 14.55 29.60
C SER A 260 -10.77 14.68 30.80
N PHE A 261 -10.37 14.01 31.88
CA PHE A 261 -11.23 13.81 33.03
C PHE A 261 -10.37 13.72 34.27
N ASP B 5 13.49 1.04 2.57
CA ASP B 5 13.81 2.25 1.82
C ASP B 5 14.85 2.00 0.74
N TRP B 6 14.40 1.36 -0.33
CA TRP B 6 15.20 1.12 -1.52
C TRP B 6 15.07 2.32 -2.46
N GLY B 7 16.01 2.47 -3.39
CA GLY B 7 15.98 3.56 -4.35
C GLY B 7 16.74 3.22 -5.62
N TYR B 8 17.27 4.24 -6.31
CA TYR B 8 18.10 4.06 -7.49
C TYR B 8 19.44 4.76 -7.33
N ASP B 9 19.72 5.26 -6.13
CA ASP B 9 21.05 5.78 -5.84
C ASP B 9 22.00 4.61 -5.67
N ASP B 10 23.29 4.83 -5.88
CA ASP B 10 24.28 3.79 -5.62
C ASP B 10 24.13 3.27 -4.19
N LYS B 11 23.72 4.17 -3.30
CA LYS B 11 23.48 3.83 -1.90
C LYS B 11 22.46 2.71 -1.74
N ASN B 12 21.37 2.77 -2.50
CA ASN B 12 20.25 1.88 -2.30
C ASN B 12 19.68 1.30 -3.58
N GLY B 13 20.47 1.36 -4.65
CA GLY B 13 19.99 1.04 -5.99
C GLY B 13 19.93 -0.43 -6.37
N PRO B 14 19.76 -0.69 -7.68
CA PRO B 14 19.54 -2.04 -8.22
C PRO B 14 20.58 -3.07 -7.75
N GLU B 15 21.82 -2.65 -7.58
CA GLU B 15 22.85 -3.61 -7.18
C GLU B 15 23.03 -3.69 -5.68
N GLN B 16 22.10 -3.09 -4.94
CA GLN B 16 22.03 -3.24 -3.48
C GLN B 16 20.74 -3.95 -3.08
N TRP B 17 19.83 -4.11 -4.03
CA TRP B 17 18.49 -4.59 -3.74
C TRP B 17 18.46 -6.00 -3.15
N SER B 18 19.39 -6.85 -3.59
CA SER B 18 19.36 -8.27 -3.22
C SER B 18 19.52 -8.50 -1.71
N LYS B 19 20.05 -7.52 -0.98
CA LYS B 19 20.22 -7.67 0.45
C LYS B 19 18.88 -7.80 1.17
N LEU B 20 17.92 -6.93 0.82
CA LEU B 20 16.62 -7.02 1.46
C LEU B 20 15.63 -7.81 0.60
N TYR B 21 15.95 -7.92 -0.69
CA TYR B 21 15.09 -8.63 -1.63
C TYR B 21 15.92 -9.64 -2.42
N PRO B 22 16.20 -10.81 -1.82
CA PRO B 22 17.11 -11.77 -2.47
C PRO B 22 16.55 -12.30 -3.79
N ILE B 23 15.25 -12.16 -4.03
CA ILE B 23 14.67 -12.57 -5.31
C ILE B 23 15.29 -11.76 -6.47
N ALA B 24 15.99 -10.68 -6.13
CA ALA B 24 16.66 -9.86 -7.12
C ALA B 24 17.61 -10.68 -7.99
N ASN B 25 18.03 -11.83 -7.47
CA ASN B 25 18.87 -12.74 -8.22
C ASN B 25 18.14 -13.97 -8.69
N GLY B 26 16.83 -13.86 -8.80
CA GLY B 26 15.99 -14.97 -9.23
C GLY B 26 16.21 -15.33 -10.68
N ASN B 27 15.48 -16.35 -11.14
CA ASN B 27 15.61 -16.82 -12.52
C ASN B 27 14.57 -16.24 -13.46
N ASN B 28 13.71 -15.36 -12.96
CA ASN B 28 12.68 -14.76 -13.81
C ASN B 28 12.59 -13.25 -13.61
N GLN B 29 13.75 -12.59 -13.62
CA GLN B 29 13.80 -11.18 -13.29
C GLN B 29 13.69 -10.29 -14.53
N SER B 30 13.15 -9.09 -14.31
CA SER B 30 12.92 -8.10 -15.37
C SER B 30 13.58 -6.77 -14.99
N PRO B 31 13.93 -5.95 -16.00
CA PRO B 31 13.72 -6.13 -17.43
C PRO B 31 14.78 -7.03 -18.06
N VAL B 32 14.63 -7.35 -19.34
CA VAL B 32 15.62 -8.14 -20.06
C VAL B 32 15.96 -7.50 -21.42
N ASP B 33 17.10 -7.90 -21.99
CA ASP B 33 17.41 -7.57 -23.38
C ASP B 33 16.66 -8.55 -24.29
N ILE B 34 15.96 -8.01 -25.29
CA ILE B 34 15.29 -8.85 -26.27
C ILE B 34 16.16 -8.99 -27.50
N LYS B 35 16.83 -10.13 -27.60
CA LYS B 35 17.66 -10.42 -28.77
C LYS B 35 16.76 -11.01 -29.87
N THR B 36 16.58 -10.24 -30.94
CA THR B 36 15.52 -10.56 -31.89
C THR B 36 15.88 -11.77 -32.73
N SER B 37 17.16 -12.11 -32.79
CA SER B 37 17.58 -13.30 -33.53
C SER B 37 17.22 -14.55 -32.73
N GLU B 38 16.93 -14.36 -31.45
CA GLU B 38 16.67 -15.49 -30.56
C GLU B 38 15.20 -15.62 -30.19
N THR B 39 14.37 -14.68 -30.63
CA THR B 39 12.96 -14.75 -30.29
C THR B 39 12.29 -15.85 -31.09
N LYS B 40 11.17 -16.35 -30.59
CA LYS B 40 10.47 -17.44 -31.24
C LYS B 40 9.09 -17.02 -31.66
N HIS B 41 8.78 -17.16 -32.95
CA HIS B 41 7.41 -16.89 -33.34
C HIS B 41 6.56 -18.13 -33.10
N ASP B 42 5.66 -18.00 -32.14
CA ASP B 42 4.73 -19.02 -31.73
C ASP B 42 3.44 -18.75 -32.47
N THR B 43 3.12 -19.58 -33.47
CA THR B 43 1.90 -19.32 -34.23
C THR B 43 0.64 -19.47 -33.37
N SER B 44 0.75 -20.14 -32.22
CA SER B 44 -0.43 -20.32 -31.36
C SER B 44 -0.72 -19.10 -30.46
N LEU B 45 0.16 -18.10 -30.50
CA LEU B 45 0.03 -16.94 -29.64
C LEU B 45 -0.90 -15.90 -30.26
N LYS B 46 -2.08 -15.73 -29.66
CA LYS B 46 -3.10 -14.82 -30.17
C LYS B 46 -2.77 -13.35 -29.92
N PRO B 47 -3.36 -12.45 -30.71
CA PRO B 47 -3.12 -11.03 -30.43
C PRO B 47 -3.72 -10.61 -29.08
N ILE B 48 -3.20 -9.54 -28.49
CA ILE B 48 -3.81 -8.95 -27.29
C ILE B 48 -4.85 -7.94 -27.70
N SER B 49 -5.80 -7.75 -26.80
CA SER B 49 -6.84 -6.74 -26.98
C SER B 49 -6.93 -5.91 -25.71
N VAL B 50 -7.22 -4.63 -25.88
CA VAL B 50 -7.30 -3.73 -24.76
C VAL B 50 -8.63 -2.99 -24.82
N SER B 51 -9.35 -2.94 -23.71
CA SER B 51 -10.61 -2.22 -23.65
C SER B 51 -10.70 -1.48 -22.33
N TYR B 52 -10.42 -0.18 -22.36
CA TYR B 52 -10.35 0.60 -21.13
C TYR B 52 -11.49 1.61 -21.07
N ASN B 53 -12.01 1.84 -19.87
CA ASN B 53 -13.07 2.83 -19.68
C ASN B 53 -12.47 4.09 -19.06
N PRO B 54 -12.48 5.21 -19.81
CA PRO B 54 -11.88 6.47 -19.35
C PRO B 54 -12.43 6.90 -17.99
N ALA B 55 -13.64 6.46 -17.68
CA ALA B 55 -14.29 6.76 -16.41
C ALA B 55 -13.62 6.06 -15.22
N THR B 56 -12.79 5.06 -15.48
CA THR B 56 -12.08 4.40 -14.38
C THR B 56 -10.81 5.18 -13.98
N ALA B 57 -10.43 6.20 -14.74
CA ALA B 57 -9.28 7.01 -14.33
C ALA B 57 -9.61 7.68 -13.01
N LYS B 58 -8.72 7.53 -12.03
CA LYS B 58 -9.03 7.96 -10.66
C LYS B 58 -8.11 9.07 -10.15
N GLU B 59 -6.79 8.87 -10.26
CA GLU B 59 -5.86 9.78 -9.62
C GLU B 59 -4.43 9.65 -10.11
N ILE B 60 -3.63 10.66 -9.79
CA ILE B 60 -2.20 10.64 -10.08
C ILE B 60 -1.45 10.91 -8.76
N ILE B 61 -0.38 10.15 -8.51
CA ILE B 61 0.33 10.28 -7.23
C ILE B 61 1.84 10.19 -7.41
N ASN B 62 2.55 11.05 -6.68
CA ASN B 62 4.00 11.02 -6.59
C ASN B 62 4.43 9.97 -5.57
N VAL B 63 5.09 8.90 -6.03
CA VAL B 63 5.42 7.80 -5.13
C VAL B 63 6.90 7.82 -4.76
N GLY B 64 7.54 8.96 -5.00
CA GLY B 64 8.91 9.15 -4.57
C GLY B 64 9.95 8.83 -5.63
N HIS B 65 9.98 7.58 -6.09
CA HIS B 65 10.91 7.19 -7.14
C HIS B 65 10.30 7.37 -8.53
N SER B 66 9.00 7.67 -8.58
CA SER B 66 8.23 7.76 -9.83
C SER B 66 6.84 8.39 -9.57
N PHE B 67 5.96 8.40 -10.56
CA PHE B 67 4.59 8.82 -10.33
C PHE B 67 3.67 7.81 -11.01
N HIS B 68 2.50 7.57 -10.43
CA HIS B 68 1.57 6.61 -11.02
C HIS B 68 0.24 7.27 -11.27
N VAL B 69 -0.40 6.88 -12.37
CA VAL B 69 -1.81 7.19 -12.57
C VAL B 69 -2.62 5.95 -12.16
N ASN B 70 -3.51 6.10 -11.17
CA ASN B 70 -4.28 4.98 -10.67
C ASN B 70 -5.68 4.91 -11.25
N PHE B 71 -6.20 3.70 -11.40
CA PHE B 71 -7.54 3.50 -11.93
C PHE B 71 -8.38 2.77 -10.90
N GLU B 72 -9.68 3.06 -10.87
CA GLU B 72 -10.61 2.26 -10.07
C GLU B 72 -10.56 0.83 -10.55
N ASP B 73 -10.43 -0.14 -9.65
CA ASP B 73 -10.38 -1.54 -10.10
C ASP B 73 -11.40 -2.43 -9.37
N ASN B 74 -12.50 -1.82 -8.91
CA ASN B 74 -13.55 -2.58 -8.24
C ASN B 74 -14.39 -3.40 -9.20
N ASP B 75 -14.15 -3.27 -10.51
CA ASP B 75 -14.82 -4.14 -11.48
C ASP B 75 -14.02 -4.25 -12.77
N ASN B 76 -14.61 -4.87 -13.79
CA ASN B 76 -13.89 -5.15 -15.02
C ASN B 76 -14.18 -4.21 -16.17
N ARG B 77 -14.45 -2.95 -15.87
CA ARG B 77 -14.66 -1.94 -16.91
C ARG B 77 -13.43 -1.76 -17.81
N SER B 78 -12.23 -1.91 -17.25
CA SER B 78 -11.01 -1.72 -18.03
C SER B 78 -10.16 -2.95 -17.96
N VAL B 79 -9.98 -3.64 -19.09
CA VAL B 79 -9.25 -4.90 -19.08
C VAL B 79 -8.30 -5.08 -20.27
N LEU B 80 -7.30 -5.92 -20.05
CA LEU B 80 -6.44 -6.47 -21.10
C LEU B 80 -6.87 -7.91 -21.36
N LYS B 81 -7.01 -8.29 -22.62
CA LYS B 81 -7.44 -9.65 -23.00
C LYS B 81 -6.51 -10.27 -24.02
N GLY B 82 -6.71 -11.56 -24.27
CA GLY B 82 -6.02 -12.24 -25.34
C GLY B 82 -4.57 -12.52 -25.05
N GLY B 83 -3.76 -12.65 -26.09
CA GLY B 83 -2.35 -12.96 -25.95
C GLY B 83 -2.16 -14.28 -25.24
N PRO B 84 -1.25 -14.32 -24.27
CA PRO B 84 -0.97 -15.51 -23.45
C PRO B 84 -2.00 -15.73 -22.36
N PHE B 85 -2.98 -14.84 -22.26
CA PHE B 85 -3.89 -14.87 -21.13
C PHE B 85 -5.16 -15.64 -21.45
N SER B 86 -5.49 -16.62 -20.62
CA SER B 86 -6.75 -17.32 -20.77
C SER B 86 -7.83 -16.51 -20.08
N ASP B 87 -7.40 -15.63 -19.17
CA ASP B 87 -8.31 -14.76 -18.45
C ASP B 87 -8.06 -13.28 -18.73
N SER B 88 -9.13 -12.49 -18.68
CA SER B 88 -9.02 -11.04 -18.74
C SER B 88 -8.29 -10.48 -17.50
N TYR B 89 -7.39 -9.52 -17.70
CA TYR B 89 -6.67 -8.89 -16.58
C TYR B 89 -7.13 -7.44 -16.39
N ARG B 90 -7.37 -7.05 -15.14
CA ARG B 90 -7.92 -5.75 -14.81
C ARG B 90 -6.86 -4.64 -14.68
N LEU B 91 -7.05 -3.55 -15.41
CA LEU B 91 -6.16 -2.39 -15.32
C LEU B 91 -6.08 -1.79 -13.92
N PHE B 92 -4.90 -1.43 -13.40
CA PHE B 92 -4.93 -0.64 -12.15
C PHE B 92 -4.02 0.59 -12.08
N GLN B 93 -3.01 0.67 -12.95
CA GLN B 93 -2.20 1.87 -13.05
C GLN B 93 -1.31 1.89 -14.28
N PHE B 94 -0.84 3.08 -14.66
CA PHE B 94 0.31 3.15 -15.55
C PHE B 94 1.31 4.14 -14.99
N HIS B 95 2.54 4.05 -15.49
CA HIS B 95 3.65 4.86 -15.01
C HIS B 95 4.78 4.80 -16.04
N PHE B 96 5.85 5.54 -15.78
CA PHE B 96 6.97 5.61 -16.70
C PHE B 96 8.28 5.30 -15.98
N HIS B 97 9.29 4.95 -16.78
CA HIS B 97 10.67 4.93 -16.32
C HIS B 97 11.49 5.77 -17.29
N TRP B 98 12.52 6.42 -16.77
CA TRP B 98 13.41 7.26 -17.58
C TRP B 98 14.80 7.24 -16.96
N GLY B 99 15.75 7.90 -17.61
CA GLY B 99 17.10 7.94 -17.09
C GLY B 99 17.63 9.34 -16.92
N SER B 100 18.86 9.42 -16.42
CA SER B 100 19.50 10.71 -16.22
C SER B 100 19.61 11.48 -17.52
N THR B 101 19.83 10.77 -18.62
CA THR B 101 19.96 11.40 -19.93
C THR B 101 18.80 11.03 -20.85
N ASN B 102 18.51 11.90 -21.82
CA ASN B 102 17.41 11.63 -22.75
C ASN B 102 17.68 10.48 -23.70
N GLU B 103 18.94 10.09 -23.82
CA GLU B 103 19.27 9.02 -24.75
C GLU B 103 19.03 7.64 -24.16
N HIS B 104 19.31 7.47 -22.87
CA HIS B 104 19.22 6.16 -22.25
C HIS B 104 18.40 6.16 -20.96
N GLY B 105 17.18 5.60 -21.02
CA GLY B 105 16.30 5.60 -19.87
C GLY B 105 15.26 4.50 -19.80
N SER B 106 15.11 3.70 -20.86
CA SER B 106 14.18 2.57 -20.83
C SER B 106 14.68 1.45 -19.92
N GLU B 107 13.81 0.49 -19.62
CA GLU B 107 14.20 -0.69 -18.84
C GLU B 107 14.56 -1.84 -19.77
N HIS B 108 13.58 -2.29 -20.52
CA HIS B 108 13.83 -3.27 -21.55
C HIS B 108 14.66 -2.66 -22.66
N THR B 109 15.54 -3.46 -23.23
CA THR B 109 16.31 -3.10 -24.40
C THR B 109 16.05 -4.11 -25.52
N VAL B 110 16.28 -3.69 -26.75
CA VAL B 110 16.13 -4.58 -27.89
C VAL B 110 17.44 -4.67 -28.67
N ASP B 111 17.97 -5.89 -28.82
CA ASP B 111 19.26 -6.08 -29.47
C ASP B 111 20.31 -5.15 -28.87
N GLY B 112 20.31 -5.05 -27.54
CA GLY B 112 21.24 -4.21 -26.81
C GLY B 112 20.96 -2.72 -26.92
N VAL B 113 19.92 -2.33 -27.64
CA VAL B 113 19.62 -0.90 -27.79
C VAL B 113 18.75 -0.38 -26.64
N LYS B 114 19.22 0.68 -25.97
CA LYS B 114 18.46 1.29 -24.90
C LYS B 114 17.71 2.49 -25.43
N TYR B 115 16.44 2.61 -25.05
CA TYR B 115 15.63 3.73 -25.52
C TYR B 115 15.57 4.82 -24.46
N SER B 116 14.98 5.94 -24.84
CA SER B 116 14.91 7.11 -24.00
C SER B 116 14.11 6.92 -22.70
N ALA B 117 13.04 6.15 -22.77
CA ALA B 117 12.17 5.96 -21.62
C ALA B 117 11.24 4.78 -21.89
N GLU B 118 10.40 4.44 -20.93
CA GLU B 118 9.50 3.30 -21.10
C GLU B 118 8.19 3.50 -20.37
N LEU B 119 7.11 3.09 -21.00
CA LEU B 119 5.79 3.21 -20.43
C LEU B 119 5.34 1.83 -19.97
N HIS B 120 4.80 1.75 -18.75
CA HIS B 120 4.25 0.50 -18.21
C HIS B 120 2.78 0.62 -17.87
N VAL B 121 1.97 -0.28 -18.41
CA VAL B 121 0.55 -0.32 -18.11
C VAL B 121 0.29 -1.63 -17.39
N ALA B 122 -0.09 -1.55 -16.11
CA ALA B 122 -0.15 -2.73 -15.24
C ALA B 122 -1.58 -3.24 -14.99
N HIS B 123 -1.74 -4.56 -14.94
CA HIS B 123 -3.03 -5.21 -14.79
C HIS B 123 -2.89 -6.37 -13.83
N TRP B 124 -3.98 -6.77 -13.17
CA TRP B 124 -3.89 -7.96 -12.31
C TRP B 124 -5.00 -8.98 -12.61
N ASN B 125 -4.75 -10.22 -12.24
CA ASN B 125 -5.61 -11.34 -12.56
C ASN B 125 -6.84 -11.37 -11.67
N SER B 126 -7.81 -10.52 -11.97
CA SER B 126 -9.01 -10.41 -11.17
C SER B 126 -9.92 -11.61 -11.35
N ALA B 127 -9.70 -12.40 -12.40
CA ALA B 127 -10.51 -13.59 -12.62
C ALA B 127 -10.18 -14.67 -11.59
N LYS B 128 -8.90 -14.76 -11.23
CA LYS B 128 -8.40 -15.82 -10.37
C LYS B 128 -8.29 -15.43 -8.88
N TYR B 129 -7.87 -14.20 -8.63
CA TYR B 129 -7.56 -13.77 -7.26
C TYR B 129 -8.54 -12.72 -6.76
N SER B 130 -8.61 -12.55 -5.44
CA SER B 130 -9.64 -11.70 -4.87
C SER B 130 -9.20 -10.25 -4.80
N SER B 131 -7.90 -10.02 -4.91
CA SER B 131 -7.38 -8.68 -4.72
C SER B 131 -6.03 -8.54 -5.39
N LEU B 132 -5.67 -7.30 -5.68
CA LEU B 132 -4.35 -6.98 -6.20
C LEU B 132 -3.28 -7.55 -5.29
N ALA B 133 -3.47 -7.39 -3.99
CA ALA B 133 -2.54 -7.89 -2.99
C ALA B 133 -2.30 -9.40 -3.10
N GLU B 134 -3.37 -10.17 -3.26
CA GLU B 134 -3.24 -11.61 -3.41
C GLU B 134 -2.56 -11.98 -4.72
N ALA B 135 -2.99 -11.31 -5.79
CA ALA B 135 -2.46 -11.60 -7.13
C ALA B 135 -0.97 -11.28 -7.24
N ALA B 136 -0.56 -10.23 -6.53
CA ALA B 136 0.71 -9.57 -6.78
C ALA B 136 1.96 -10.44 -6.66
N SER B 137 1.86 -11.52 -5.90
CA SER B 137 3.02 -12.39 -5.70
C SER B 137 2.77 -13.78 -6.28
N LYS B 138 1.81 -13.89 -7.19
CA LYS B 138 1.54 -15.16 -7.85
C LYS B 138 2.10 -15.12 -9.25
N ALA B 139 2.65 -16.24 -9.71
CA ALA B 139 3.32 -16.32 -11.00
C ALA B 139 2.45 -15.83 -12.15
N ASP B 140 1.15 -16.06 -12.05
CA ASP B 140 0.21 -15.60 -13.07
C ASP B 140 -0.62 -14.42 -12.58
N GLY B 141 -0.09 -13.68 -11.62
CA GLY B 141 -0.86 -12.64 -10.97
C GLY B 141 -0.95 -11.31 -11.72
N LEU B 142 0.12 -10.90 -12.39
CA LEU B 142 0.19 -9.57 -13.02
C LEU B 142 0.54 -9.62 -14.51
N ALA B 143 0.07 -8.62 -15.22
CA ALA B 143 0.36 -8.45 -16.64
C ALA B 143 0.71 -7.00 -16.88
N VAL B 144 1.89 -6.74 -17.43
CA VAL B 144 2.31 -5.36 -17.69
C VAL B 144 2.66 -5.18 -19.17
N ILE B 145 1.99 -4.22 -19.81
CA ILE B 145 2.35 -3.83 -21.18
C ILE B 145 3.47 -2.82 -21.09
N GLY B 146 4.56 -3.08 -21.79
CA GLY B 146 5.65 -2.13 -21.84
C GLY B 146 5.72 -1.53 -23.23
N VAL B 147 5.89 -0.22 -23.30
CA VAL B 147 6.06 0.47 -24.56
C VAL B 147 7.35 1.29 -24.52
N LEU B 148 8.23 1.06 -25.49
CA LEU B 148 9.50 1.77 -25.52
C LEU B 148 9.25 3.18 -26.08
N MET B 149 9.89 4.18 -25.47
CA MET B 149 9.72 5.55 -25.92
C MET B 149 11.06 6.11 -26.45
N LYS B 150 11.04 6.68 -27.65
CA LYS B 150 12.25 7.23 -28.30
C LYS B 150 12.24 8.73 -28.35
N VAL B 151 13.31 9.39 -27.86
CA VAL B 151 13.29 10.85 -27.82
C VAL B 151 13.18 11.37 -29.25
N GLY B 152 12.39 12.42 -29.44
CA GLY B 152 12.15 12.96 -30.76
C GLY B 152 11.06 14.01 -30.72
N GLU B 153 10.07 13.85 -31.59
CA GLU B 153 8.91 14.73 -31.64
C GLU B 153 8.06 14.66 -30.36
N ALA B 154 7.52 15.79 -29.91
CA ALA B 154 6.70 15.78 -28.69
C ALA B 154 5.47 14.90 -28.91
N ASN B 155 5.06 14.22 -27.85
CA ASN B 155 3.94 13.31 -27.93
C ASN B 155 2.70 13.96 -27.31
N PRO B 156 1.74 14.38 -28.15
CA PRO B 156 0.58 15.12 -27.64
C PRO B 156 -0.27 14.29 -26.69
N LYS B 157 -0.13 12.97 -26.75
CA LYS B 157 -0.96 12.09 -25.91
C LYS B 157 -0.56 12.18 -24.44
N LEU B 158 0.63 12.74 -24.20
CA LEU B 158 1.12 12.91 -22.83
C LEU B 158 0.59 14.17 -22.16
N GLN B 159 -0.22 14.93 -22.86
CA GLN B 159 -0.58 16.27 -22.38
C GLN B 159 -1.25 16.27 -21.01
N LYS B 160 -2.23 15.39 -20.80
CA LYS B 160 -2.93 15.39 -19.53
C LYS B 160 -2.01 14.97 -18.38
N VAL B 161 -1.08 14.08 -18.66
CA VAL B 161 -0.12 13.66 -17.65
C VAL B 161 0.72 14.85 -17.21
N LEU B 162 1.29 15.56 -18.19
CA LEU B 162 2.23 16.64 -17.93
C LEU B 162 1.55 17.84 -17.26
N ASP B 163 0.31 18.12 -17.66
CA ASP B 163 -0.53 19.09 -16.94
C ASP B 163 -0.67 18.69 -15.47
N ALA B 164 -1.02 17.43 -15.24
CA ALA B 164 -1.28 16.97 -13.88
C ALA B 164 -0.03 16.95 -12.99
N LEU B 165 1.16 16.78 -13.59
CA LEU B 165 2.39 16.67 -12.80
C LEU B 165 2.65 17.91 -11.99
N GLN B 166 2.14 19.05 -12.45
CA GLN B 166 2.39 20.32 -11.75
C GLN B 166 1.81 20.31 -10.33
N ALA B 167 0.79 19.49 -10.09
CA ALA B 167 0.15 19.50 -8.78
C ALA B 167 0.68 18.41 -7.87
N ILE B 168 1.59 17.57 -8.37
CA ILE B 168 2.16 16.53 -7.50
C ILE B 168 3.68 16.55 -7.44
N LYS B 169 4.25 17.70 -7.11
CA LYS B 169 5.71 17.86 -7.22
C LYS B 169 6.53 17.04 -6.23
N THR B 170 6.02 16.84 -5.01
CA THR B 170 6.79 16.10 -4.00
C THR B 170 6.12 14.79 -3.58
N LYS B 171 6.91 13.90 -2.96
CA LYS B 171 6.45 12.57 -2.57
C LYS B 171 5.18 12.63 -1.72
N GLY B 172 4.20 11.80 -2.08
CA GLY B 172 2.97 11.76 -1.34
C GLY B 172 1.88 12.67 -1.85
N LYS B 173 2.22 13.61 -2.73
CA LYS B 173 1.18 14.47 -3.29
C LYS B 173 0.26 13.63 -4.17
N ARG B 174 -1.03 13.93 -4.11
CA ARG B 174 -2.03 13.17 -4.85
C ARG B 174 -3.07 14.12 -5.43
N ALA B 175 -3.44 13.92 -6.68
CA ALA B 175 -4.46 14.75 -7.30
C ALA B 175 -5.46 13.88 -8.07
N PRO B 176 -6.72 14.34 -8.16
CA PRO B 176 -7.70 13.65 -9.00
C PRO B 176 -7.20 13.64 -10.43
N PHE B 177 -7.49 12.57 -11.15
CA PHE B 177 -7.05 12.43 -12.53
C PHE B 177 -8.10 11.58 -13.23
N THR B 178 -8.89 12.22 -14.07
CA THR B 178 -10.22 11.74 -14.42
C THR B 178 -10.47 11.71 -15.94
N ASN B 179 -11.35 10.82 -16.41
CA ASN B 179 -11.75 10.79 -17.81
C ASN B 179 -10.55 10.66 -18.74
N PHE B 180 -9.81 9.56 -18.62
CA PHE B 180 -8.63 9.34 -19.46
C PHE B 180 -8.51 7.87 -19.79
N ASP B 181 -8.41 7.57 -21.09
CA ASP B 181 -8.25 6.21 -21.58
C ASP B 181 -6.80 6.01 -21.97
N PRO B 182 -6.07 5.21 -21.18
CA PRO B 182 -4.62 5.07 -21.38
C PRO B 182 -4.29 4.31 -22.66
N SER B 183 -5.28 3.70 -23.30
CA SER B 183 -4.98 3.02 -24.55
C SER B 183 -4.56 4.04 -25.62
N THR B 184 -4.87 5.32 -25.40
CA THR B 184 -4.42 6.37 -26.33
C THR B 184 -2.90 6.61 -26.30
N LEU B 185 -2.22 6.09 -25.27
CA LEU B 185 -0.77 6.15 -25.21
C LEU B 185 -0.07 5.01 -25.95
N LEU B 186 -0.78 3.92 -26.18
CA LEU B 186 -0.21 2.74 -26.84
C LEU B 186 0.10 3.03 -28.31
N PRO B 187 1.06 2.32 -28.90
CA PRO B 187 1.25 2.50 -30.35
C PRO B 187 0.08 1.87 -31.10
N SER B 188 -0.14 2.25 -32.36
CA SER B 188 -1.33 1.77 -33.07
C SER B 188 -1.20 0.29 -33.44
N SER B 189 0.02 -0.22 -33.58
CA SER B 189 0.20 -1.67 -33.68
C SER B 189 0.38 -2.28 -32.28
N LEU B 190 -0.33 -3.36 -31.98
CA LEU B 190 -0.12 -4.04 -30.71
C LEU B 190 0.61 -5.37 -30.90
N ASP B 191 1.41 -5.48 -31.94
CA ASP B 191 2.32 -6.62 -32.04
C ASP B 191 3.28 -6.56 -30.86
N PHE B 192 3.64 -7.71 -30.32
CA PHE B 192 4.34 -7.69 -29.05
C PHE B 192 5.30 -8.85 -28.91
N TRP B 193 6.25 -8.68 -27.98
CA TRP B 193 7.01 -9.79 -27.44
C TRP B 193 6.46 -10.14 -26.06
N THR B 194 6.54 -11.41 -25.67
CA THR B 194 6.13 -11.79 -24.33
C THR B 194 7.11 -12.78 -23.69
N TYR B 195 7.21 -12.72 -22.37
CA TYR B 195 8.09 -13.57 -21.62
C TYR B 195 7.71 -13.54 -20.13
N PRO B 196 8.03 -14.60 -19.40
CA PRO B 196 7.70 -14.62 -17.97
C PRO B 196 8.73 -13.83 -17.17
N GLY B 197 8.28 -12.89 -16.35
CA GLY B 197 9.22 -12.07 -15.59
C GLY B 197 8.74 -11.54 -14.26
N SER B 198 9.26 -10.37 -13.88
CA SER B 198 9.04 -9.82 -12.54
C SER B 198 8.68 -8.34 -12.56
N LEU B 199 8.26 -7.83 -11.40
CA LEU B 199 8.29 -6.39 -11.15
C LEU B 199 9.72 -5.92 -11.35
N THR B 200 9.90 -4.73 -11.93
CA THR B 200 11.24 -4.22 -12.20
C THR B 200 11.86 -3.47 -11.01
N HIS B 201 11.17 -3.42 -9.89
CA HIS B 201 11.79 -2.89 -8.67
C HIS B 201 11.21 -3.57 -7.43
N PRO B 202 11.78 -3.31 -6.24
CA PRO B 202 11.24 -4.04 -5.08
C PRO B 202 9.74 -3.87 -4.96
N PRO B 203 9.04 -4.93 -4.53
CA PRO B 203 9.58 -6.21 -4.03
C PRO B 203 10.08 -7.23 -5.07
N LEU B 204 9.97 -6.92 -6.36
CA LEU B 204 10.56 -7.75 -7.43
C LEU B 204 9.92 -9.15 -7.57
N TYR B 205 8.67 -9.30 -7.11
CA TYR B 205 7.95 -10.54 -7.27
C TYR B 205 8.00 -11.04 -8.71
N GLU B 206 8.23 -12.34 -8.89
CA GLU B 206 8.26 -12.92 -10.23
C GLU B 206 6.83 -13.31 -10.64
N SER B 207 6.00 -12.29 -10.77
CA SER B 207 4.55 -12.42 -10.91
C SER B 207 4.01 -11.80 -12.20
N VAL B 208 4.90 -11.36 -13.08
CA VAL B 208 4.47 -10.55 -14.24
C VAL B 208 4.63 -11.29 -15.57
N THR B 209 3.55 -11.37 -16.35
CA THR B 209 3.67 -11.74 -17.76
C THR B 209 3.88 -10.46 -18.54
N TRP B 210 5.05 -10.34 -19.15
CA TRP B 210 5.37 -9.10 -19.85
C TRP B 210 4.87 -9.13 -21.28
N ILE B 211 4.36 -7.98 -21.72
CA ILE B 211 3.88 -7.75 -23.06
C ILE B 211 4.62 -6.52 -23.59
N ILE B 212 5.70 -6.72 -24.34
CA ILE B 212 6.49 -5.62 -24.85
C ILE B 212 6.10 -5.32 -26.29
N CYS B 213 5.57 -4.11 -26.53
CA CYS B 213 5.15 -3.75 -27.89
C CYS B 213 6.34 -3.66 -28.85
N LYS B 214 6.16 -4.19 -30.04
CA LYS B 214 7.18 -4.09 -31.07
C LYS B 214 7.40 -2.64 -31.51
N GLU B 215 6.32 -1.85 -31.52
CA GLU B 215 6.37 -0.48 -32.01
C GLU B 215 6.61 0.57 -30.89
N SER B 216 7.52 1.50 -31.13
CA SER B 216 7.79 2.52 -30.13
C SER B 216 6.79 3.67 -30.21
N ILE B 217 6.75 4.51 -29.17
CA ILE B 217 6.07 5.79 -29.25
C ILE B 217 7.07 6.88 -28.96
N SER B 218 6.66 8.13 -29.21
CA SER B 218 7.59 9.25 -29.19
C SER B 218 7.52 10.05 -27.88
N VAL B 219 8.50 10.92 -27.67
CA VAL B 219 8.52 11.82 -26.52
C VAL B 219 9.61 12.85 -26.80
N SER B 220 9.37 14.12 -26.46
CA SER B 220 10.39 15.13 -26.71
C SER B 220 11.29 15.28 -25.49
N SER B 221 12.45 15.90 -25.70
CA SER B 221 13.35 16.17 -24.60
C SER B 221 12.65 17.06 -23.58
N GLU B 222 11.82 17.99 -24.04
CA GLU B 222 11.11 18.89 -23.11
C GLU B 222 10.14 18.12 -22.22
N GLN B 223 9.57 17.03 -22.74
CA GLN B 223 8.63 16.26 -21.94
C GLN B 223 9.33 15.43 -20.88
N LEU B 224 10.46 14.80 -21.24
CA LEU B 224 11.27 14.07 -20.27
C LEU B 224 11.86 15.00 -19.20
N ALA B 225 12.14 16.24 -19.59
CA ALA B 225 12.63 17.23 -18.64
C ALA B 225 11.62 17.43 -17.52
N GLN B 226 10.33 17.32 -17.85
CA GLN B 226 9.29 17.49 -16.85
C GLN B 226 9.22 16.32 -15.87
N PHE B 227 9.38 15.09 -16.36
CA PHE B 227 9.53 13.92 -15.48
C PHE B 227 10.64 14.15 -14.44
N ARG B 228 11.81 14.60 -14.91
CA ARG B 228 12.97 14.84 -14.04
C ARG B 228 12.79 16.05 -13.14
N SER B 229 11.72 16.82 -13.36
CA SER B 229 11.42 17.99 -12.53
C SER B 229 10.67 17.64 -11.27
N LEU B 230 10.09 16.44 -11.22
CA LEU B 230 9.45 15.98 -10.01
C LEU B 230 10.49 15.76 -8.94
N LEU B 231 10.04 15.78 -7.68
CA LEU B 231 10.92 15.63 -6.54
C LEU B 231 10.62 14.34 -5.80
N SER B 232 11.68 13.68 -5.33
CA SER B 232 11.58 12.40 -4.65
C SER B 232 11.39 12.62 -3.15
N ASN B 233 11.73 13.81 -2.69
CA ASN B 233 11.60 14.17 -1.29
C ASN B 233 10.17 14.54 -0.95
N VAL B 234 9.83 14.50 0.35
CA VAL B 234 8.54 14.99 0.81
C VAL B 234 8.62 16.49 0.97
N GLU B 235 7.47 17.15 0.83
CA GLU B 235 7.42 18.59 1.04
C GLU B 235 7.87 18.88 2.47
N GLY B 236 8.72 19.89 2.61
CA GLY B 236 9.40 20.15 3.86
C GLY B 236 10.88 19.89 3.69
N ASP B 237 11.21 18.66 3.30
CA ASP B 237 12.60 18.24 3.17
C ASP B 237 13.29 18.87 1.97
N ASN B 238 14.61 18.65 1.94
CA ASN B 238 15.49 19.13 0.90
C ASN B 238 15.12 18.63 -0.51
N ALA B 239 15.15 19.53 -1.50
CA ALA B 239 14.72 19.22 -2.85
C ALA B 239 15.67 18.26 -3.58
N VAL B 240 15.20 17.04 -3.83
CA VAL B 240 15.98 16.06 -4.57
C VAL B 240 15.26 15.59 -5.84
N PRO B 241 15.84 15.87 -7.02
CA PRO B 241 15.19 15.57 -8.31
C PRO B 241 14.99 14.08 -8.54
N MET B 242 13.90 13.76 -9.25
CA MET B 242 13.56 12.39 -9.61
C MET B 242 14.24 12.10 -10.93
N GLN B 243 15.57 12.00 -10.87
CA GLN B 243 16.40 12.03 -12.07
C GLN B 243 16.36 10.75 -12.91
N HIS B 244 16.23 9.58 -12.27
CA HIS B 244 16.21 8.32 -13.01
C HIS B 244 15.62 7.21 -12.17
N ASN B 245 15.05 6.21 -12.82
CA ASN B 245 14.39 5.11 -12.12
C ASN B 245 14.28 3.83 -12.98
N ASN B 246 15.29 3.56 -13.79
CA ASN B 246 15.26 2.34 -14.57
C ASN B 246 16.30 1.33 -14.06
N ARG B 247 15.89 0.07 -14.05
CA ARG B 247 16.77 -1.03 -13.64
C ARG B 247 17.58 -1.51 -14.84
N PRO B 248 18.84 -1.94 -14.60
CA PRO B 248 19.57 -2.60 -15.68
C PRO B 248 18.89 -3.91 -16.13
N THR B 249 19.15 -4.35 -17.35
CA THR B 249 18.59 -5.61 -17.82
C THR B 249 19.19 -6.79 -17.06
N GLN B 250 18.39 -7.84 -16.89
CA GLN B 250 18.77 -8.98 -16.07
C GLN B 250 18.93 -10.24 -16.92
N PRO B 251 19.67 -11.25 -16.41
CA PRO B 251 19.94 -12.45 -17.21
C PRO B 251 18.67 -13.24 -17.51
N LEU B 252 18.52 -13.66 -18.77
CA LEU B 252 17.39 -14.49 -19.19
C LEU B 252 17.27 -15.82 -18.43
N LYS B 253 18.41 -16.45 -18.15
CA LYS B 253 18.44 -17.75 -17.47
C LYS B 253 17.53 -18.78 -18.13
N GLY B 254 17.69 -18.99 -19.44
CA GLY B 254 16.97 -20.04 -20.12
C GLY B 254 15.57 -19.68 -20.61
N ARG B 255 15.00 -18.59 -20.09
CA ARG B 255 13.66 -18.20 -20.48
C ARG B 255 13.55 -17.93 -21.97
N THR B 256 12.37 -18.15 -22.54
CA THR B 256 12.12 -17.85 -23.95
C THR B 256 11.28 -16.58 -24.15
N VAL B 257 11.71 -15.73 -25.09
CA VAL B 257 10.89 -14.59 -25.52
C VAL B 257 10.12 -14.92 -26.81
N ARG B 258 8.80 -15.02 -26.70
CA ARG B 258 7.97 -15.29 -27.86
C ARG B 258 7.60 -14.01 -28.59
N ALA B 259 7.44 -14.12 -29.91
CA ALA B 259 6.99 -12.98 -30.71
C ALA B 259 5.63 -13.29 -31.30
N SER B 260 4.75 -12.30 -31.26
CA SER B 260 3.42 -12.46 -31.80
C SER B 260 3.44 -12.20 -33.29
N PHE B 261 4.62 -11.86 -33.78
CA PHE B 261 4.78 -11.31 -35.11
C PHE B 261 6.07 -11.81 -35.75
ZN ZN C . -3.27 -1.25 15.65
C15 949 D . -0.30 0.56 12.44
C16 949 D . -1.37 1.25 13.03
C13 949 D . -0.70 1.67 10.35
C17 949 D . -2.09 2.18 12.29
C11 949 D . 0.54 2.31 6.87
C10 949 D . 0.16 3.69 7.31
C2 949 D . -0.40 -1.08 7.92
C1 949 D . -0.07 -2.41 7.76
C6 949 D . 1.24 -2.79 7.44
C5 949 D . 2.20 -1.81 7.28
C4 949 D . 1.86 -0.47 7.44
C3 949 D . 0.57 -0.11 7.76
C14 949 D . 0.03 0.77 11.11
C8 949 D . -0.34 2.00 8.93
C7 949 D . 0.23 1.34 7.91
C18 949 D . -1.74 2.38 10.95
C24 949 D . 1.39 4.57 7.53
C23 949 D . -0.85 4.28 6.34
F25 949 D . -1.01 -3.33 7.93
O12 949 D . 1.02 2.05 5.79
O9 949 D . -0.46 3.40 8.56
S19 949 D . -1.72 1.03 14.59
O21 949 D . -0.76 1.81 15.27
N22 949 D . -1.57 -0.49 15.08
O20 949 D . -3.04 1.52 14.88
C15 949 E . -1.29 -0.07 4.77
C16 949 E . -2.47 -0.58 5.27
C13 949 E . -0.52 -2.29 4.19
C17 949 E . -2.66 -1.95 5.26
C11 949 E . 1.95 -4.76 2.82
C10 949 E . 2.88 -3.68 3.29
C2 949 E . -0.56 -6.59 2.87
C1 949 E . -1.61 -7.41 2.50
C6 949 E . -2.76 -6.88 1.94
C5 949 E . -2.85 -5.52 1.72
C4 949 E . -1.78 -4.69 2.08
C3 949 E . -0.63 -5.21 2.65
C14 949 E . -0.31 -0.91 4.24
C8 949 E . 0.58 -3.15 3.63
C7 949 E . 0.54 -4.35 3.05
C18 949 E . -1.70 -2.81 4.72
C24 949 E . 3.74 -4.18 4.45
C23 949 E . 3.74 -3.14 2.17
F25 949 E . -1.51 -8.72 2.71
O12 949 E . 2.32 -5.81 2.33
O9 949 E . 1.95 -2.70 3.74
S19 949 E . -3.59 0.39 5.91
O21 949 E . -3.33 0.54 7.31
N22 949 E . -5.05 -0.31 5.79
O20 949 E . -3.58 1.66 5.27
C15 949 F . 4.58 7.42 1.87
C16 949 F . 5.38 7.63 2.99
C13 949 F . 3.74 5.38 2.85
C17 949 F . 5.36 6.71 4.03
C11 949 F . 1.72 2.27 2.50
C10 949 F . 0.77 3.26 1.88
C2 949 F . 5.38 2.43 3.58
C1 949 F . 6.33 1.62 4.21
C6 949 F . 5.96 0.48 4.94
C5 949 F . 4.62 0.15 5.04
C4 949 F . 3.68 0.96 4.40
C3 949 F . 4.02 2.11 3.68
C14 949 F . 3.77 6.30 1.81
C8 949 F . 2.81 4.21 2.68
C7 949 F . 2.93 2.91 2.99
C18 949 F . 4.53 5.59 3.98
C24 949 F . 0.57 2.95 0.40
C23 949 F . -0.56 3.33 2.60
F25 949 F . 7.63 1.94 4.13
O12 949 F . 1.49 1.08 2.52
O9 949 F . 1.50 4.46 2.07
S19 949 F . 6.31 8.95 3.03
O21 949 F . 7.70 8.68 3.29
N22 949 F . 5.72 9.94 4.15
O20 949 F . 6.19 9.60 1.75
ZN ZN G . 7.41 -0.04 -14.27
ZN ZN H . 20.49 6.06 -15.56
C15 949 I . 6.53 -2.49 -10.38
C16 949 I . 5.85 -2.61 -11.58
C13 949 I . 4.49 -2.78 -9.13
C17 949 I . 4.48 -2.83 -11.55
C11 949 I . 2.97 -3.10 -5.73
C10 949 I . 2.24 -4.19 -6.47
C2 949 I . 4.73 -0.06 -6.66
C1 949 I . 5.53 0.94 -6.12
C6 949 I . 6.34 0.69 -5.01
C5 949 I . 6.35 -0.58 -4.44
C4 949 I . 5.54 -1.58 -4.98
C3 949 I . 4.75 -1.32 -6.10
C14 949 I . 5.86 -2.59 -9.15
C8 949 I . 3.71 -2.93 -7.84
C7 949 I . 3.88 -2.42 -6.62
C18 949 I . 3.80 -2.91 -10.33
C24 949 I . 2.79 -5.52 -6.02
C23 949 I . 0.73 -4.12 -6.30
F25 949 I . 5.54 2.16 -6.67
O12 949 I . 2.80 -2.83 -4.54
O9 949 I . 2.63 -3.89 -7.81
S19 949 I . 6.64 -2.55 -12.99
O21 949 I . 7.31 -3.81 -13.08
N22 949 I . 7.79 -1.44 -13.00
O20 949 I . 5.73 -2.34 -14.06
C15 949 J . 1.61 0.12 -4.91
C16 949 J . 1.40 1.05 -5.91
C13 949 J . 2.93 1.74 -3.66
C17 949 J . 1.99 2.32 -5.80
C11 949 J . 4.87 2.78 -0.64
C10 949 J . 5.21 1.32 -0.70
C2 949 J . 4.41 5.63 -1.77
C1 949 J . 3.98 6.94 -1.91
C6 949 J . 2.66 7.22 -2.24
C5 949 J . 1.76 6.16 -2.40
C4 949 J . 2.19 4.84 -2.24
C3 949 J . 3.51 4.57 -1.93
C14 949 J . 2.37 0.47 -3.79
C8 949 J . 3.75 2.03 -2.43
C7 949 J . 4.00 3.15 -1.73
C18 949 J . 2.74 2.67 -4.68
C24 949 J . 6.69 1.13 -1.00
C23 949 J . 4.76 0.57 0.54
F25 949 J . 4.85 7.97 -1.76
O12 949 J . 5.28 3.53 0.24
O9 949 J . 4.44 0.92 -1.82
S19 949 J . 0.55 0.66 -7.23
O21 949 J . 1.46 -0.08 -8.06
N22 949 J . 0.06 1.95 -8.05
O20 949 J . -0.59 -0.14 -6.89
C15 949 K . 6.37 -4.65 -0.56
C16 949 K . 6.67 -3.38 -1.01
C13 949 K . 4.05 -4.35 -1.19
C17 949 K . 5.66 -2.59 -1.56
C11 949 K . 0.55 -5.61 -1.55
C10 949 K . 1.27 -6.92 -1.34
C2 949 K . 0.96 -2.32 -0.24
C1 949 K . 0.40 -1.04 -0.25
C6 949 K . -0.26 -0.57 -1.39
C5 949 K . -0.35 -1.37 -2.51
C4 949 K . 0.21 -2.64 -2.50
C3 949 K . 0.88 -3.11 -1.38
C14 949 K . 5.07 -5.13 -0.66
C8 949 K . 2.69 -4.98 -1.27
C7 949 K . 1.46 -4.49 -1.40
C18 949 K . 4.35 -3.06 -1.66
C24 949 K . 0.80 -7.61 -0.07
C23 949 K . 1.14 -7.87 -2.51
F25 949 K . 0.48 -0.27 0.85
O12 949 K . -0.62 -5.47 -1.83
O9 949 K . 2.61 -6.44 -1.23
S19 949 K . 8.19 -2.86 -0.90
O21 949 K . 8.52 -2.63 0.48
N22 949 K . 8.43 -1.52 -1.74
O20 949 K . 9.08 -3.85 -1.42
#